data_6VHI
#
_entry.id   6VHI
#
_cell.length_a   135.931
_cell.length_b   40.977
_cell.length_c   23.291
_cell.angle_alpha   90
_cell.angle_beta   91.43
_cell.angle_gamma   90
#
_symmetry.space_group_name_H-M   'C 1 2 1'
#
loop_
_entity.id
_entity.type
_entity.pdbx_description
1 polymer 'Protein ILRUN'
2 water water
#
_entity_poly.entity_id   1
_entity_poly.type   'polypeptide(L)'
_entity_poly.pdbx_seq_one_letter_code
;DFESPNISVPSMSFVEDVTIGEGESIPPDTQFVKTWRIQNSGAEAWPPGVCLKYVGGDQFGHVNMVMVRSLEPQEIADVS
VQMCSPSRAGMYQGQWRMCTATGLYYGDVIWVILSVEVGGLL
;
_entity_poly.pdbx_strand_id   A
#
# COMPACT_ATOMS: atom_id res chain seq x y z
N SER A 8 15.85 -13.92 -8.82
CA SER A 8 14.77 -13.60 -9.77
C SER A 8 13.86 -12.49 -9.21
N VAL A 9 13.52 -11.51 -10.04
CA VAL A 9 12.77 -10.32 -9.59
C VAL A 9 11.27 -10.59 -9.43
N PRO A 10 10.66 -10.32 -8.25
CA PRO A 10 9.22 -10.57 -8.08
C PRO A 10 8.30 -9.59 -8.79
N SER A 11 7.00 -9.95 -8.91
CA SER A 11 5.96 -9.14 -9.53
C SER A 11 4.79 -8.90 -8.55
N MET A 12 4.05 -7.81 -8.75
CA MET A 12 2.88 -7.46 -7.96
C MET A 12 1.95 -6.56 -8.78
N SER A 13 0.65 -6.87 -8.78
CA SER A 13 -0.37 -6.07 -9.44
C SER A 13 -1.41 -5.63 -8.42
N PHE A 14 -1.85 -4.39 -8.59
CA PHE A 14 -2.88 -3.80 -7.76
C PHE A 14 -4.25 -4.42 -8.14
N VAL A 15 -5.00 -4.94 -7.14
CA VAL A 15 -6.31 -5.51 -7.42
C VAL A 15 -7.36 -4.41 -7.15
N GLU A 16 -7.43 -3.88 -5.91
CA GLU A 16 -8.42 -2.85 -5.59
C GLU A 16 -8.24 -2.24 -4.22
N ASP A 17 -8.83 -1.07 -4.03
CA ASP A 17 -8.83 -0.41 -2.75
C ASP A 17 -9.93 -1.05 -1.94
N VAL A 18 -9.58 -1.65 -0.81
CA VAL A 18 -10.56 -2.29 0.06
C VAL A 18 -11.24 -1.22 0.94
N THR A 19 -10.51 -0.20 1.38
CA THR A 19 -11.06 0.97 2.06
C THR A 19 -10.38 2.25 1.51
N ILE A 20 -10.95 3.42 1.85
CA ILE A 20 -10.48 4.73 1.41
C ILE A 20 -10.30 4.79 -0.13
N GLY A 21 -11.42 4.81 -0.85
CA GLY A 21 -11.39 4.88 -2.31
C GLY A 21 -10.87 6.21 -2.82
N GLU A 22 -10.57 6.30 -4.15
CA GLU A 22 -10.10 7.53 -4.82
C GLU A 22 -11.05 8.71 -4.48
N GLY A 23 -12.37 8.42 -4.53
CA GLY A 23 -13.44 9.36 -4.18
C GLY A 23 -14.12 9.03 -2.86
N GLU A 24 -13.45 9.38 -1.73
CA GLU A 24 -13.96 9.17 -0.37
C GLU A 24 -13.38 10.27 0.56
N SER A 25 -14.24 10.88 1.38
CA SER A 25 -13.85 11.97 2.28
C SER A 25 -13.74 11.55 3.76
N ILE A 26 -12.61 11.87 4.42
CA ILE A 26 -12.34 11.57 5.84
C ILE A 26 -12.14 12.92 6.59
N PRO A 27 -12.67 13.13 7.83
CA PRO A 27 -12.43 14.43 8.50
C PRO A 27 -10.98 14.66 8.96
N PRO A 28 -10.59 15.89 9.35
CA PRO A 28 -9.19 16.13 9.75
C PRO A 28 -8.78 15.46 11.05
N ASP A 29 -7.48 15.11 11.18
CA ASP A 29 -6.89 14.47 12.37
C ASP A 29 -7.61 13.18 12.81
N THR A 30 -8.32 12.52 11.88
CA THR A 30 -9.09 11.30 12.15
C THR A 30 -8.23 10.06 11.87
N GLN A 31 -8.28 9.09 12.79
CA GLN A 31 -7.55 7.82 12.63
C GLN A 31 -8.33 6.94 11.66
N PHE A 32 -7.63 6.18 10.84
CA PHE A 32 -8.27 5.31 9.83
C PHE A 32 -7.32 4.22 9.37
N VAL A 33 -7.87 3.13 8.85
CA VAL A 33 -7.06 2.02 8.34
C VAL A 33 -7.20 2.08 6.84
N LYS A 34 -6.09 1.89 6.13
CA LYS A 34 -6.02 1.87 4.67
C LYS A 34 -5.72 0.46 4.27
N THR A 35 -6.57 -0.16 3.46
CA THR A 35 -6.39 -1.55 3.05
C THR A 35 -6.38 -1.61 1.54
N TRP A 36 -5.44 -2.37 0.99
CA TRP A 36 -5.33 -2.61 -0.44
C TRP A 36 -5.39 -4.13 -0.68
N ARG A 37 -5.81 -4.54 -1.86
CA ARG A 37 -5.85 -5.94 -2.25
C ARG A 37 -4.85 -6.04 -3.38
N ILE A 38 -3.84 -6.89 -3.26
CA ILE A 38 -2.75 -7.03 -4.24
C ILE A 38 -2.58 -8.48 -4.66
N GLN A 39 -1.84 -8.77 -5.75
CA GLN A 39 -1.56 -10.14 -6.14
C GLN A 39 -0.14 -10.38 -6.62
N ASN A 40 0.37 -11.60 -6.40
CA ASN A 40 1.64 -11.99 -6.91
C ASN A 40 1.34 -12.35 -8.36
N SER A 41 1.55 -11.39 -9.27
CA SER A 41 1.33 -11.60 -10.69
C SER A 41 2.59 -12.20 -11.39
N GLY A 42 3.43 -12.93 -10.64
CA GLY A 42 4.67 -13.51 -11.13
C GLY A 42 4.61 -15.03 -11.20
N ALA A 43 5.64 -15.62 -11.78
CA ALA A 43 5.72 -17.06 -12.04
C ALA A 43 6.13 -17.91 -10.81
N GLU A 44 6.80 -17.28 -9.84
CA GLU A 44 7.30 -17.94 -8.63
C GLU A 44 6.80 -17.23 -7.38
N ALA A 45 6.90 -17.92 -6.23
CA ALA A 45 6.51 -17.35 -4.96
C ALA A 45 7.40 -16.15 -4.63
N TRP A 46 6.87 -15.21 -3.83
CA TRP A 46 7.66 -14.07 -3.42
C TRP A 46 8.71 -14.60 -2.42
N PRO A 47 9.92 -14.02 -2.42
CA PRO A 47 10.93 -14.48 -1.48
C PRO A 47 10.53 -14.16 -0.04
N PRO A 48 11.18 -14.77 0.98
CA PRO A 48 10.85 -14.41 2.37
C PRO A 48 11.34 -12.99 2.70
N GLY A 49 10.70 -12.38 3.68
CA GLY A 49 11.09 -11.06 4.13
C GLY A 49 10.70 -9.90 3.23
N VAL A 50 9.56 -10.01 2.51
CA VAL A 50 9.05 -8.91 1.67
C VAL A 50 8.12 -8.01 2.51
N CYS A 51 7.97 -6.76 2.08
CA CYS A 51 7.15 -5.79 2.80
C CYS A 51 6.63 -4.67 1.90
N LEU A 52 5.53 -4.03 2.27
CA LEU A 52 5.02 -2.88 1.55
C LEU A 52 5.64 -1.65 2.23
N LYS A 53 6.22 -0.74 1.44
CA LYS A 53 6.94 0.44 1.97
C LYS A 53 6.47 1.73 1.38
N TYR A 54 6.42 2.74 2.23
CA TYR A 54 6.09 4.12 1.84
C TYR A 54 7.23 4.63 0.88
N VAL A 55 6.89 5.25 -0.28
CA VAL A 55 7.97 5.71 -1.20
C VAL A 55 7.86 7.19 -1.69
N GLY A 56 6.88 7.96 -1.23
CA GLY A 56 6.76 9.34 -1.67
C GLY A 56 5.39 9.94 -1.47
N GLY A 57 5.29 11.24 -1.71
CA GLY A 57 4.05 11.97 -1.48
C GLY A 57 3.78 12.17 0.00
N ASP A 58 2.56 12.56 0.35
CA ASP A 58 2.13 12.83 1.73
C ASP A 58 2.14 11.57 2.61
N GLN A 59 2.47 11.77 3.90
CA GLN A 59 2.52 10.71 4.90
C GLN A 59 1.33 10.91 5.83
N PHE A 60 0.66 9.82 6.20
CA PHE A 60 -0.50 9.89 7.07
C PHE A 60 -0.26 9.07 8.33
N VAL A 63 5.03 5.91 10.15
CA VAL A 63 4.90 4.48 9.82
C VAL A 63 5.21 4.29 8.31
N ASN A 64 6.32 3.58 7.99
CA ASN A 64 6.77 3.50 6.61
C ASN A 64 6.92 2.10 6.03
N MET A 65 6.53 1.04 6.76
CA MET A 65 6.72 -0.31 6.27
C MET A 65 5.82 -1.31 7.01
N VAL A 66 5.19 -2.24 6.27
CA VAL A 66 4.39 -3.31 6.86
C VAL A 66 4.82 -4.60 6.20
N MET A 67 5.09 -5.65 6.98
CA MET A 67 5.43 -6.96 6.42
C MET A 67 4.21 -7.54 5.70
N VAL A 68 4.45 -8.28 4.63
CA VAL A 68 3.46 -8.96 3.81
C VAL A 68 3.93 -10.41 3.67
N ARG A 69 3.00 -11.38 3.56
CA ARG A 69 3.41 -12.79 3.47
C ARG A 69 3.99 -13.12 2.08
N SER A 70 4.81 -14.18 2.02
CA SER A 70 5.41 -14.59 0.75
C SER A 70 4.36 -15.32 -0.14
N LEU A 71 3.67 -14.51 -0.95
CA LEU A 71 2.61 -14.99 -1.78
C LEU A 71 3.05 -15.96 -2.87
N GLU A 72 2.27 -17.06 -3.02
CA GLU A 72 2.41 -18.04 -4.11
C GLU A 72 1.97 -17.35 -5.41
N PRO A 73 2.42 -17.83 -6.59
CA PRO A 73 1.96 -17.21 -7.84
C PRO A 73 0.43 -17.16 -7.94
N GLN A 74 -0.09 -16.02 -8.40
CA GLN A 74 -1.50 -15.76 -8.58
C GLN A 74 -2.27 -15.59 -7.24
N GLU A 75 -1.60 -15.59 -6.08
CA GLU A 75 -2.30 -15.45 -4.81
C GLU A 75 -2.63 -13.99 -4.55
N ILE A 76 -3.80 -13.75 -3.88
CA ILE A 76 -4.24 -12.41 -3.46
C ILE A 76 -3.88 -12.20 -2.00
N ALA A 77 -3.57 -10.94 -1.58
CA ALA A 77 -3.38 -10.57 -0.15
C ALA A 77 -4.02 -9.23 0.20
N ASP A 78 -4.62 -9.11 1.38
CA ASP A 78 -5.16 -7.85 1.88
C ASP A 78 -4.07 -7.29 2.79
N VAL A 79 -3.57 -6.08 2.47
CA VAL A 79 -2.52 -5.40 3.20
C VAL A 79 -3.10 -4.19 3.84
N SER A 80 -2.92 -4.03 5.13
CA SER A 80 -3.50 -2.92 5.88
C SER A 80 -2.44 -2.09 6.54
N VAL A 81 -2.62 -0.77 6.55
CA VAL A 81 -1.72 0.16 7.19
C VAL A 81 -2.54 1.13 8.06
N GLN A 82 -2.14 1.32 9.31
CA GLN A 82 -2.83 2.23 10.23
C GLN A 82 -2.36 3.69 9.99
N MET A 83 -3.28 4.60 9.59
CA MET A 83 -2.95 5.99 9.26
C MET A 83 -3.76 7.03 10.05
N CYS A 84 -3.45 8.32 9.84
CA CYS A 84 -4.15 9.44 10.49
C CYS A 84 -4.22 10.57 9.49
N SER A 85 -5.42 11.06 9.17
CA SER A 85 -5.59 12.11 8.17
C SER A 85 -4.98 13.46 8.58
N PRO A 86 -4.42 14.25 7.63
CA PRO A 86 -3.83 15.55 8.00
C PRO A 86 -4.71 16.51 8.79
N SER A 87 -4.06 17.44 9.50
CA SER A 87 -4.75 18.43 10.33
C SER A 87 -5.55 19.50 9.54
N ARG A 88 -5.14 19.85 8.31
CA ARG A 88 -5.87 20.84 7.52
C ARG A 88 -6.58 20.23 6.32
N ALA A 89 -7.67 20.89 5.86
CA ALA A 89 -8.49 20.43 4.73
C ALA A 89 -7.71 20.44 3.41
N GLY A 90 -8.10 19.58 2.47
CA GLY A 90 -7.44 19.52 1.18
C GLY A 90 -7.30 18.12 0.61
N MET A 91 -6.65 18.03 -0.55
CA MET A 91 -6.40 16.79 -1.28
C MET A 91 -4.95 16.37 -1.01
N TYR A 92 -4.72 15.11 -0.63
CA TYR A 92 -3.39 14.59 -0.28
C TYR A 92 -3.14 13.25 -0.96
N GLN A 93 -1.89 12.93 -1.38
CA GLN A 93 -1.60 11.66 -2.05
C GLN A 93 -0.31 11.04 -1.57
N GLY A 94 -0.35 9.75 -1.23
CA GLY A 94 0.84 9.02 -0.83
C GLY A 94 1.09 7.86 -1.76
N GLN A 95 2.37 7.53 -2.01
CA GLN A 95 2.79 6.39 -2.84
C GLN A 95 3.39 5.30 -1.93
N TRP A 96 3.13 4.03 -2.28
CA TRP A 96 3.65 2.84 -1.62
C TRP A 96 4.11 1.86 -2.71
N ARG A 97 5.01 0.96 -2.36
CA ARG A 97 5.53 -0.01 -3.32
C ARG A 97 6.15 -1.20 -2.57
N MET A 98 6.01 -2.42 -3.10
CA MET A 98 6.58 -3.61 -2.48
C MET A 98 8.11 -3.54 -2.50
N CYS A 99 8.76 -4.24 -1.53
CA CYS A 99 10.22 -4.21 -1.37
C CYS A 99 10.73 -5.55 -0.80
N THR A 100 11.85 -6.02 -1.34
CA THR A 100 12.43 -7.30 -0.92
C THR A 100 13.34 -7.09 0.29
N ALA A 101 13.71 -8.21 0.97
CA ALA A 101 14.64 -8.26 2.08
C ALA A 101 15.99 -7.62 1.71
N THR A 102 16.38 -7.63 0.42
CA THR A 102 17.64 -7.02 -0.02
C THR A 102 17.51 -5.51 -0.33
N GLY A 103 16.31 -4.93 -0.30
CA GLY A 103 16.08 -3.51 -0.52
C GLY A 103 15.66 -3.11 -1.92
N LEU A 104 15.32 -4.11 -2.73
CA LEU A 104 14.93 -3.91 -4.10
C LEU A 104 13.42 -3.73 -4.16
N TYR A 105 12.95 -2.59 -4.74
CA TYR A 105 11.51 -2.35 -4.93
C TYR A 105 11.02 -3.05 -6.15
N TYR A 106 9.77 -3.44 -6.14
CA TYR A 106 9.18 -4.11 -7.30
C TYR A 106 7.67 -3.92 -7.30
N GLY A 107 7.04 -4.24 -8.43
CA GLY A 107 5.60 -4.17 -8.54
C GLY A 107 5.02 -2.82 -8.89
N ASP A 108 3.72 -2.74 -8.90
CA ASP A 108 3.01 -1.49 -9.13
C ASP A 108 3.16 -0.55 -7.94
N VAL A 109 3.15 0.76 -8.23
CA VAL A 109 3.10 1.77 -7.18
C VAL A 109 1.60 1.85 -6.83
N ILE A 110 1.25 1.83 -5.56
CA ILE A 110 -0.14 1.94 -5.12
C ILE A 110 -0.33 3.23 -4.33
N TRP A 111 -1.54 3.79 -4.36
CA TRP A 111 -1.80 5.09 -3.79
C TRP A 111 -2.84 5.15 -2.68
N VAL A 112 -2.68 6.18 -1.82
CA VAL A 112 -3.61 6.57 -0.77
C VAL A 112 -3.94 8.01 -1.15
N ILE A 113 -5.20 8.29 -1.51
CA ILE A 113 -5.61 9.62 -1.92
C ILE A 113 -6.75 10.08 -0.99
N LEU A 114 -6.52 11.19 -0.24
CA LEU A 114 -7.47 11.69 0.76
C LEU A 114 -8.01 13.05 0.47
N SER A 115 -9.32 13.23 0.63
CA SER A 115 -9.98 14.52 0.55
C SER A 115 -10.45 14.82 1.99
N VAL A 116 -9.68 15.65 2.72
CA VAL A 116 -9.98 16.02 4.11
C VAL A 116 -10.99 17.18 4.08
N GLU A 117 -12.11 17.07 4.80
CA GLU A 117 -13.16 18.09 4.81
C GLU A 117 -13.58 18.44 6.25
#